data_9JAJ
#
_entry.id   9JAJ
#
_cell.length_a   33.278
_cell.length_b   44.478
_cell.length_c   67.445
_cell.angle_alpha   72.09
_cell.angle_beta   84.05
_cell.angle_gamma   75.87
#
_symmetry.space_group_name_H-M   'P 1'
#
loop_
_entity.id
_entity.type
_entity.pdbx_description
1 polymer 'Guanylate kinase'
2 non-polymer "GUANOSINE-5'-DIPHOSPHATE"
3 non-polymer "ADENOSINE-5'-DIPHOSPHATE"
4 non-polymer GLYCEROL
5 water water
#
_entity_poly.entity_id   1
_entity_poly.type   'polypeptide(L)'
_entity_poly.pdbx_seq_one_letter_code
;HMSGPRPVVLSGPSGAGKSTLLKRLLQEHSGIFGFSVSHTTRNPRPGEENGKDYYFVTREVMQRDIAAGDFIEHAEFSGN
LYGTSKVAVQAVQAMNRICVLDVDLQGVRNIKATDLRPIYISVQPPSLHVLEQRLRQRNTETEESLVKRLAAAQADMESS
KEPGLFDVVIINDSLDQAYAELKEALSEEIKKAQRTGA
;
_entity_poly.pdbx_strand_id   A,B
#
# COMPACT_ATOMS: atom_id res chain seq x y z
N PRO A 5 -5.07 -25.54 1.08
CA PRO A 5 -4.90 -24.12 0.79
C PRO A 5 -6.05 -23.54 -0.03
N ARG A 6 -6.01 -22.24 -0.27
CA ARG A 6 -7.07 -21.53 -0.97
C ARG A 6 -6.57 -21.03 -2.32
N PRO A 7 -7.47 -20.83 -3.30
CA PRO A 7 -7.05 -20.20 -4.56
C PRO A 7 -6.66 -18.75 -4.34
N VAL A 8 -5.96 -18.19 -5.32
CA VAL A 8 -5.41 -16.85 -5.24
C VAL A 8 -5.96 -16.01 -6.37
N VAL A 9 -6.54 -14.86 -6.04
CA VAL A 9 -7.03 -13.90 -7.02
C VAL A 9 -6.10 -12.69 -7.01
N LEU A 10 -5.50 -12.39 -8.15
CA LEU A 10 -4.74 -11.17 -8.35
C LEU A 10 -5.59 -10.18 -9.15
N SER A 11 -5.79 -9.00 -8.60
CA SER A 11 -6.48 -7.93 -9.31
C SER A 11 -5.71 -6.63 -9.11
N GLY A 12 -5.91 -5.72 -10.05
CA GLY A 12 -5.23 -4.45 -10.03
C GLY A 12 -5.41 -3.71 -11.34
N PRO A 13 -4.91 -2.49 -11.41
CA PRO A 13 -5.05 -1.72 -12.65
C PRO A 13 -4.27 -2.33 -13.79
N SER A 14 -4.69 -2.00 -15.01
CA SER A 14 -3.98 -2.44 -16.21
C SER A 14 -2.56 -1.88 -16.22
N GLY A 15 -1.58 -2.76 -16.10
CA GLY A 15 -0.18 -2.38 -16.15
C GLY A 15 0.50 -2.16 -14.81
N ALA A 16 -0.21 -2.38 -13.70
CA ALA A 16 0.39 -2.19 -12.39
C ALA A 16 1.41 -3.28 -12.04
N GLY A 17 1.44 -4.36 -12.78
CA GLY A 17 2.35 -5.45 -12.52
C GLY A 17 1.71 -6.78 -12.12
N LYS A 18 0.42 -6.98 -12.40
CA LYS A 18 -0.21 -8.25 -12.11
C LYS A 18 0.46 -9.39 -12.88
N SER A 19 0.58 -9.23 -14.20
CA SER A 19 1.12 -10.28 -15.04
C SER A 19 2.59 -10.55 -14.72
N THR A 20 3.37 -9.50 -14.51
CA THR A 20 4.80 -9.67 -14.27
C THR A 20 5.06 -10.45 -12.98
N LEU A 21 4.40 -10.04 -11.90
CA LEU A 21 4.61 -10.71 -10.62
C LEU A 21 4.11 -12.16 -10.67
N LEU A 22 2.98 -12.39 -11.33
CA LEU A 22 2.45 -13.75 -11.45
C LEU A 22 3.39 -14.63 -12.26
N LYS A 23 3.94 -14.12 -13.36
CA LYS A 23 4.81 -14.92 -14.21
C LYS A 23 6.03 -15.41 -13.45
N ARG A 24 6.62 -14.56 -12.61
CA ARG A 24 7.73 -14.98 -11.79
C ARG A 24 7.31 -16.02 -10.76
N LEU A 25 6.17 -15.80 -10.10
CA LEU A 25 5.71 -16.74 -9.08
C LEU A 25 5.51 -18.13 -9.67
N LEU A 26 5.02 -18.20 -10.91
CA LEU A 26 4.80 -19.50 -11.55
C LEU A 26 6.11 -20.17 -11.94
N GLN A 27 7.20 -19.43 -12.06
CA GLN A 27 8.49 -20.05 -12.35
C GLN A 27 9.15 -20.60 -11.09
N GLU A 28 9.26 -19.76 -10.05
CA GLU A 28 9.92 -20.20 -8.82
C GLU A 28 9.15 -21.32 -8.15
N HIS A 29 7.82 -21.28 -8.21
CA HIS A 29 7.00 -22.25 -7.49
C HIS A 29 6.05 -22.97 -8.43
N SER A 30 6.59 -23.47 -9.55
CA SER A 30 5.78 -24.18 -10.54
C SER A 30 5.15 -25.45 -9.98
N GLY A 31 5.73 -26.01 -8.91
CA GLY A 31 5.10 -27.16 -8.28
C GLY A 31 3.97 -26.82 -7.34
N ILE A 32 3.84 -25.56 -6.95
CA ILE A 32 2.86 -25.15 -5.95
C ILE A 32 1.66 -24.46 -6.59
N PHE A 33 1.91 -23.69 -7.65
CA PHE A 33 0.89 -22.84 -8.22
C PHE A 33 0.59 -23.20 -9.67
N GLY A 34 -0.65 -22.97 -10.06
CA GLY A 34 -1.11 -23.17 -11.43
C GLY A 34 -1.94 -22.01 -11.93
N PHE A 35 -1.72 -21.61 -13.17
CA PHE A 35 -2.38 -20.44 -13.73
C PHE A 35 -3.74 -20.83 -14.30
N SER A 36 -4.77 -20.04 -13.94
CA SER A 36 -6.08 -20.19 -14.55
C SER A 36 -6.08 -19.46 -15.88
N VAL A 37 -6.17 -20.22 -16.97
CA VAL A 37 -6.11 -19.65 -18.32
C VAL A 37 -7.50 -19.15 -18.67
N SER A 38 -7.70 -17.84 -18.55
CA SER A 38 -8.98 -17.22 -18.89
C SER A 38 -9.24 -17.32 -20.39
N HIS A 39 -10.50 -17.14 -20.75
CA HIS A 39 -10.88 -16.87 -22.13
C HIS A 39 -10.86 -15.36 -22.37
N THR A 40 -10.50 -14.97 -23.59
CA THR A 40 -10.60 -13.57 -23.98
C THR A 40 -10.95 -13.49 -25.45
N THR A 41 -11.61 -12.40 -25.83
CA THR A 41 -11.92 -12.13 -27.22
C THR A 41 -10.97 -11.12 -27.85
N ARG A 42 -10.09 -10.49 -27.07
CA ARG A 42 -9.13 -9.57 -27.63
C ARG A 42 -8.05 -10.34 -28.39
N ASN A 43 -7.44 -9.66 -29.35
CA ASN A 43 -6.41 -10.30 -30.16
C ASN A 43 -5.17 -10.57 -29.33
N PRO A 44 -4.49 -11.69 -29.57
CA PRO A 44 -3.26 -11.97 -28.82
C PRO A 44 -2.19 -10.91 -29.09
N ARG A 45 -1.47 -10.54 -28.04
CA ARG A 45 -0.29 -9.70 -28.19
C ARG A 45 0.88 -10.57 -28.61
N PRO A 46 1.88 -9.99 -29.28
CA PRO A 46 3.06 -10.78 -29.65
C PRO A 46 3.68 -11.44 -28.44
N GLY A 47 3.99 -12.73 -28.57
CA GLY A 47 4.53 -13.51 -27.49
C GLY A 47 3.51 -14.26 -26.65
N GLU A 48 2.24 -13.88 -26.74
CA GLU A 48 1.20 -14.61 -26.02
C GLU A 48 0.84 -15.88 -26.77
N GLU A 49 0.60 -16.95 -26.02
CA GLU A 49 0.32 -18.26 -26.58
C GLU A 49 -1.09 -18.70 -26.18
N ASN A 50 -1.87 -19.13 -27.17
CA ASN A 50 -3.17 -19.71 -26.89
C ASN A 50 -3.02 -20.91 -25.97
N GLY A 51 -3.92 -21.02 -25.00
CA GLY A 51 -3.87 -22.10 -24.04
C GLY A 51 -2.89 -21.89 -22.89
N LYS A 52 -2.05 -20.85 -22.96
CA LYS A 52 -1.14 -20.50 -21.88
C LYS A 52 -1.51 -19.16 -21.25
N ASP A 53 -1.50 -18.09 -22.04
CA ASP A 53 -1.82 -16.77 -21.52
C ASP A 53 -3.33 -16.54 -21.49
N TYR A 54 -4.02 -17.05 -22.50
CA TYR A 54 -5.46 -16.89 -22.63
C TYR A 54 -5.96 -18.00 -23.56
N TYR A 55 -7.26 -18.25 -23.50
CA TYR A 55 -7.94 -18.97 -24.56
C TYR A 55 -8.49 -17.92 -25.51
N PHE A 56 -7.80 -17.73 -26.64
CA PHE A 56 -8.16 -16.70 -27.60
C PHE A 56 -9.26 -17.24 -28.50
N VAL A 57 -10.46 -16.66 -28.37
CA VAL A 57 -11.64 -17.09 -29.12
C VAL A 57 -12.30 -15.85 -29.70
N THR A 58 -13.16 -16.09 -30.69
CA THR A 58 -13.99 -15.02 -31.22
C THR A 58 -15.18 -14.78 -30.30
N ARG A 59 -15.90 -13.69 -30.56
CA ARG A 59 -17.03 -13.35 -29.70
C ARG A 59 -18.18 -14.34 -29.85
N GLU A 60 -18.34 -14.94 -31.03
CA GLU A 60 -19.38 -15.96 -31.20
C GLU A 60 -19.09 -17.17 -30.32
N VAL A 61 -17.83 -17.61 -30.28
CA VAL A 61 -17.47 -18.75 -29.45
C VAL A 61 -17.64 -18.42 -27.97
N MET A 62 -17.23 -17.21 -27.57
CA MET A 62 -17.34 -16.80 -26.18
C MET A 62 -18.79 -16.73 -25.74
N GLN A 63 -19.67 -16.18 -26.59
CA GLN A 63 -21.07 -16.07 -26.22
C GLN A 63 -21.74 -17.44 -26.17
N ARG A 64 -21.42 -18.32 -27.13
CA ARG A 64 -21.95 -19.68 -27.08
C ARG A 64 -21.47 -20.40 -25.84
N ASP A 65 -20.22 -20.17 -25.44
CA ASP A 65 -19.71 -20.76 -24.20
C ASP A 65 -20.48 -20.24 -22.99
N ILE A 66 -20.76 -18.93 -22.96
CA ILE A 66 -21.52 -18.37 -21.85
C ILE A 66 -22.91 -19.00 -21.80
N ALA A 67 -23.56 -19.09 -22.95
CA ALA A 67 -24.90 -19.69 -23.01
C ALA A 67 -24.89 -21.14 -22.52
N ALA A 68 -23.75 -21.81 -22.54
CA ALA A 68 -23.62 -23.19 -22.10
C ALA A 68 -23.18 -23.31 -20.64
N GLY A 69 -23.04 -22.19 -19.93
CA GLY A 69 -22.66 -22.24 -18.53
C GLY A 69 -21.21 -22.58 -18.27
N ASP A 70 -20.33 -22.37 -19.26
CA ASP A 70 -18.94 -22.80 -19.12
C ASP A 70 -18.19 -21.98 -18.08
N PHE A 71 -18.62 -20.76 -17.81
CA PHE A 71 -17.81 -19.80 -17.07
C PHE A 71 -18.29 -19.64 -15.63
N ILE A 72 -17.34 -19.64 -14.70
CA ILE A 72 -17.62 -19.21 -13.34
C ILE A 72 -18.03 -17.75 -13.34
N GLU A 73 -17.33 -16.93 -14.12
CA GLU A 73 -17.64 -15.51 -14.23
C GLU A 73 -17.18 -15.02 -15.60
N HIS A 74 -17.71 -13.88 -16.00
CA HIS A 74 -17.25 -13.22 -17.23
C HIS A 74 -17.63 -11.75 -17.16
N ALA A 75 -16.76 -10.91 -17.72
CA ALA A 75 -16.95 -9.48 -17.71
C ALA A 75 -16.45 -8.89 -19.00
N GLU A 76 -17.05 -7.78 -19.42
CA GLU A 76 -16.54 -7.03 -20.56
C GLU A 76 -15.61 -5.93 -20.06
N PHE A 77 -14.48 -5.78 -20.76
CA PHE A 77 -13.44 -4.84 -20.35
C PHE A 77 -12.86 -4.22 -21.61
N SER A 78 -13.01 -2.90 -21.75
CA SER A 78 -12.44 -2.14 -22.86
C SER A 78 -12.85 -2.74 -24.22
N GLY A 79 -14.14 -3.04 -24.35
CA GLY A 79 -14.67 -3.54 -25.60
C GLY A 79 -14.33 -4.97 -25.93
N ASN A 80 -13.88 -5.76 -24.96
CA ASN A 80 -13.59 -7.17 -25.18
C ASN A 80 -14.10 -7.97 -24.00
N LEU A 81 -14.33 -9.26 -24.23
CA LEU A 81 -14.89 -10.15 -23.22
C LEU A 81 -13.80 -11.01 -22.59
N TYR A 82 -13.86 -11.17 -21.28
CA TYR A 82 -12.96 -12.02 -20.52
C TYR A 82 -13.79 -12.88 -19.57
N GLY A 83 -13.30 -14.10 -19.32
CA GLY A 83 -14.03 -14.99 -18.44
C GLY A 83 -13.22 -16.12 -17.84
N THR A 84 -13.51 -16.45 -16.58
CA THR A 84 -12.89 -17.59 -15.90
C THR A 84 -13.81 -18.81 -16.07
N SER A 85 -13.36 -19.77 -16.86
CA SER A 85 -14.16 -20.96 -17.10
C SER A 85 -13.96 -21.98 -16.00
N LYS A 86 -15.03 -22.75 -15.72
CA LYS A 86 -14.93 -23.85 -14.76
C LYS A 86 -13.84 -24.83 -15.19
N VAL A 87 -13.72 -25.09 -16.49
CA VAL A 87 -12.72 -26.03 -17.00
C VAL A 87 -11.32 -25.56 -16.64
N ALA A 88 -11.07 -24.25 -16.77
CA ALA A 88 -9.73 -23.73 -16.49
C ALA A 88 -9.36 -23.94 -15.02
N VAL A 89 -10.30 -23.71 -14.11
CA VAL A 89 -10.02 -23.90 -12.68
C VAL A 89 -9.87 -25.37 -12.35
N GLN A 90 -10.70 -26.23 -12.93
CA GLN A 90 -10.61 -27.66 -12.67
C GLN A 90 -9.30 -28.24 -13.19
N ALA A 91 -8.75 -27.68 -14.26
CA ALA A 91 -7.48 -28.17 -14.79
C ALA A 91 -6.36 -28.01 -13.76
N VAL A 92 -6.34 -26.88 -13.06
CA VAL A 92 -5.34 -26.68 -12.02
C VAL A 92 -5.58 -27.61 -10.84
N GLN A 93 -6.85 -27.76 -10.43
CA GLN A 93 -7.17 -28.63 -9.30
C GLN A 93 -6.80 -30.08 -9.60
N ALA A 94 -7.00 -30.52 -10.85
CA ALA A 94 -6.64 -31.88 -11.24
C ALA A 94 -5.13 -32.09 -11.30
N MET A 95 -4.34 -31.03 -11.22
CA MET A 95 -2.89 -31.12 -11.11
C MET A 95 -2.41 -31.07 -9.68
N ASN A 96 -3.33 -30.97 -8.71
CA ASN A 96 -2.99 -30.79 -7.30
C ASN A 96 -2.15 -29.52 -7.12
N ARG A 97 -2.71 -28.41 -7.59
CA ARG A 97 -2.05 -27.11 -7.52
C ARG A 97 -3.01 -26.07 -6.98
N ILE A 98 -2.44 -25.02 -6.40
CA ILE A 98 -3.20 -23.85 -5.99
C ILE A 98 -3.52 -23.01 -7.21
N CYS A 99 -4.79 -22.70 -7.41
CA CYS A 99 -5.20 -21.93 -8.59
C CYS A 99 -4.93 -20.45 -8.37
N VAL A 100 -4.24 -19.83 -9.33
CA VAL A 100 -4.00 -18.39 -9.33
C VAL A 100 -4.80 -17.79 -10.48
N LEU A 101 -5.58 -16.76 -10.18
CA LEU A 101 -6.44 -16.10 -11.15
C LEU A 101 -6.04 -14.64 -11.29
N ASP A 102 -6.07 -14.15 -12.53
CA ASP A 102 -5.79 -12.76 -12.86
C ASP A 102 -7.05 -12.18 -13.50
N VAL A 103 -7.80 -11.39 -12.73
CA VAL A 103 -9.07 -10.82 -13.17
C VAL A 103 -9.12 -9.34 -12.79
N ASP A 104 -10.07 -8.64 -13.39
CA ASP A 104 -10.28 -7.23 -13.11
C ASP A 104 -11.16 -7.08 -11.87
N LEU A 105 -11.56 -5.84 -11.58
CA LEU A 105 -12.40 -5.59 -10.39
C LEU A 105 -13.74 -6.30 -10.50
N GLN A 106 -14.32 -6.32 -11.70
CA GLN A 106 -15.60 -7.00 -11.89
C GLN A 106 -15.48 -8.48 -11.58
N GLY A 107 -14.39 -9.11 -12.02
CA GLY A 107 -14.17 -10.50 -11.68
C GLY A 107 -14.05 -10.74 -10.18
N VAL A 108 -13.38 -9.82 -9.48
CA VAL A 108 -13.23 -9.95 -8.03
C VAL A 108 -14.60 -9.98 -7.36
N ARG A 109 -15.45 -9.01 -7.69
CA ARG A 109 -16.80 -9.00 -7.14
C ARG A 109 -17.59 -10.23 -7.60
N ASN A 110 -17.41 -10.63 -8.87
CA ASN A 110 -18.05 -11.84 -9.37
C ASN A 110 -17.61 -13.06 -8.55
N ILE A 111 -16.30 -13.19 -8.32
CA ILE A 111 -15.78 -14.35 -7.60
C ILE A 111 -16.21 -14.32 -6.13
N LYS A 112 -16.39 -13.12 -5.56
CA LYS A 112 -16.76 -12.97 -4.16
C LYS A 112 -18.04 -13.73 -3.79
N ALA A 113 -18.82 -14.20 -4.78
CA ALA A 113 -20.03 -14.93 -4.52
C ALA A 113 -19.99 -16.38 -4.98
N THR A 114 -18.86 -16.86 -5.48
CA THR A 114 -18.74 -18.25 -5.88
C THR A 114 -18.31 -19.10 -4.69
N ASP A 115 -18.12 -20.39 -4.94
CA ASP A 115 -17.61 -21.31 -3.94
C ASP A 115 -16.09 -21.45 -3.99
N LEU A 116 -15.40 -20.53 -4.66
CA LEU A 116 -13.94 -20.61 -4.72
C LEU A 116 -13.31 -20.26 -3.40
N ARG A 117 -13.86 -19.26 -2.69
CA ARG A 117 -13.32 -18.77 -1.43
C ARG A 117 -11.81 -18.52 -1.51
N PRO A 118 -11.37 -17.63 -2.38
CA PRO A 118 -9.93 -17.42 -2.56
C PRO A 118 -9.40 -16.30 -1.66
N ILE A 119 -8.08 -16.16 -1.69
CA ILE A 119 -7.42 -14.99 -1.13
C ILE A 119 -7.40 -13.91 -2.20
N TYR A 120 -7.60 -12.66 -1.79
CA TYR A 120 -7.72 -11.55 -2.72
C TYR A 120 -6.53 -10.61 -2.51
N ILE A 121 -5.75 -10.42 -3.56
CA ILE A 121 -4.54 -9.58 -3.52
C ILE A 121 -4.67 -8.50 -4.58
N SER A 122 -4.49 -7.25 -4.17
CA SER A 122 -4.53 -6.10 -5.07
C SER A 122 -3.10 -5.61 -5.29
N VAL A 123 -2.70 -5.54 -6.56
CA VAL A 123 -1.39 -5.03 -6.94
C VAL A 123 -1.59 -3.63 -7.49
N GLN A 124 -0.98 -2.63 -6.86
CA GLN A 124 -1.24 -1.25 -7.21
C GLN A 124 0.04 -0.53 -7.62
N PRO A 125 -0.06 0.43 -8.54
CA PRO A 125 1.10 1.22 -8.92
C PRO A 125 1.43 2.25 -7.84
N PRO A 126 2.67 2.73 -7.78
CA PRO A 126 3.00 3.80 -6.82
C PRO A 126 2.18 5.06 -7.04
N SER A 127 1.88 5.39 -8.29
CA SER A 127 1.03 6.53 -8.62
C SER A 127 0.27 6.20 -9.90
N LEU A 128 -0.83 6.94 -10.12
CA LEU A 128 -1.55 6.80 -11.38
C LEU A 128 -0.72 7.30 -12.56
N HIS A 129 0.18 8.27 -12.31
CA HIS A 129 1.06 8.75 -13.36
C HIS A 129 2.03 7.66 -13.81
N VAL A 130 2.64 6.94 -12.86
CA VAL A 130 3.54 5.85 -13.21
C VAL A 130 2.79 4.77 -13.98
N LEU A 131 1.52 4.53 -13.61
CA LEU A 131 0.72 3.53 -14.29
C LEU A 131 0.53 3.89 -15.76
N GLU A 132 0.26 5.16 -16.06
CA GLU A 132 0.14 5.59 -17.45
C GLU A 132 1.46 5.45 -18.18
N GLN A 133 2.57 5.76 -17.50
CA GLN A 133 3.89 5.62 -18.13
C GLN A 133 4.19 4.17 -18.47
N ARG A 134 3.89 3.25 -17.54
CA ARG A 134 4.15 1.83 -17.79
C ARG A 134 3.32 1.31 -18.95
N LEU A 135 2.07 1.77 -19.06
CA LEU A 135 1.23 1.35 -20.18
C LEU A 135 1.73 1.91 -21.50
N ARG A 136 2.30 3.12 -21.50
CA ARG A 136 2.83 3.71 -22.72
C ARG A 136 4.02 2.91 -23.24
N GLN A 137 4.91 2.49 -22.35
CA GLN A 137 6.05 1.66 -22.77
C GLN A 137 5.56 0.33 -23.33
N ARG A 138 4.48 -0.21 -22.76
CA ARG A 138 3.91 -1.46 -23.28
C ARG A 138 3.43 -1.28 -24.72
N ASN A 139 2.61 -0.26 -24.97
CA ASN A 139 2.13 0.08 -26.30
C ASN A 139 1.44 -1.10 -26.99
N THR A 140 0.56 -1.77 -26.24
CA THR A 140 -0.27 -2.83 -26.81
C THR A 140 -1.70 -2.38 -27.05
N GLU A 141 -2.03 -1.12 -26.76
CA GLU A 141 -3.37 -0.60 -26.94
C GLU A 141 -3.31 0.70 -27.71
N THR A 142 -4.36 0.96 -28.49
CA THR A 142 -4.51 2.26 -29.12
C THR A 142 -4.82 3.31 -28.06
N GLU A 143 -4.64 4.58 -28.45
CA GLU A 143 -4.92 5.67 -27.51
C GLU A 143 -6.39 5.67 -27.09
N GLU A 144 -7.29 5.25 -27.98
CA GLU A 144 -8.68 5.07 -27.59
C GLU A 144 -8.83 3.97 -26.56
N SER A 145 -8.11 2.85 -26.74
CA SER A 145 -8.13 1.79 -25.74
C SER A 145 -7.31 2.19 -24.52
N LEU A 146 -6.20 2.91 -24.72
CA LEU A 146 -5.39 3.36 -23.58
C LEU A 146 -6.19 4.27 -22.67
N VAL A 147 -6.94 5.22 -23.25
CA VAL A 147 -7.70 6.16 -22.44
C VAL A 147 -8.76 5.43 -21.62
N LYS A 148 -9.37 4.39 -22.20
CA LYS A 148 -10.36 3.61 -21.47
C LYS A 148 -9.73 2.86 -20.30
N ARG A 149 -8.45 2.48 -20.42
CA ARG A 149 -7.79 1.77 -19.33
C ARG A 149 -7.71 2.63 -18.08
N LEU A 150 -7.30 3.90 -18.24
CA LEU A 150 -7.14 4.78 -17.08
C LEU A 150 -8.46 5.06 -16.40
N ALA A 151 -9.56 5.11 -17.17
CA ALA A 151 -10.88 5.28 -16.56
C ALA A 151 -11.22 4.10 -15.67
N ALA A 152 -10.96 2.88 -16.13
CA ALA A 152 -11.21 1.71 -15.29
C ALA A 152 -10.17 1.57 -14.18
N ALA A 153 -8.95 2.04 -14.42
CA ALA A 153 -7.89 1.90 -13.44
C ALA A 153 -8.17 2.71 -12.18
N GLN A 154 -8.66 3.95 -12.34
CA GLN A 154 -8.95 4.78 -11.18
C GLN A 154 -10.00 4.14 -10.28
N ALA A 155 -10.97 3.43 -10.88
CA ALA A 155 -11.94 2.70 -10.07
C ALA A 155 -11.27 1.57 -9.28
N ASP A 156 -10.23 0.95 -9.83
CA ASP A 156 -9.51 -0.08 -9.10
C ASP A 156 -8.77 0.51 -7.91
N MET A 157 -8.05 1.62 -8.12
CA MET A 157 -7.28 2.21 -7.04
C MET A 157 -8.19 2.66 -5.89
N GLU A 158 -9.34 3.25 -6.22
CA GLU A 158 -10.28 3.67 -5.18
C GLU A 158 -10.84 2.48 -4.42
N SER A 159 -11.21 1.42 -5.13
CA SER A 159 -11.75 0.24 -4.48
C SER A 159 -10.70 -0.61 -3.78
N SER A 160 -9.42 -0.30 -3.96
CA SER A 160 -8.38 -1.00 -3.22
C SER A 160 -8.48 -0.74 -1.73
N LYS A 161 -8.99 0.43 -1.33
CA LYS A 161 -9.10 0.81 0.06
C LYS A 161 -10.41 0.39 0.70
N GLU A 162 -11.23 -0.39 0.00
CA GLU A 162 -12.48 -0.88 0.56
C GLU A 162 -12.19 -1.81 1.73
N PRO A 163 -12.89 -1.66 2.87
CA PRO A 163 -12.44 -2.35 4.09
C PRO A 163 -12.37 -3.87 3.99
N GLY A 164 -13.30 -4.51 3.29
CA GLY A 164 -13.33 -5.96 3.29
C GLY A 164 -13.26 -6.61 1.91
N LEU A 165 -12.64 -5.93 0.94
CA LEU A 165 -12.59 -6.40 -0.44
C LEU A 165 -11.34 -7.21 -0.74
N PHE A 166 -10.16 -6.66 -0.49
CA PHE A 166 -8.92 -7.36 -0.72
C PHE A 166 -8.28 -7.72 0.62
N ASP A 167 -7.58 -8.85 0.63
CA ASP A 167 -6.88 -9.30 1.84
C ASP A 167 -5.51 -8.67 1.97
N VAL A 168 -4.81 -8.47 0.84
CA VAL A 168 -3.49 -7.86 0.83
C VAL A 168 -3.45 -6.85 -0.31
N VAL A 169 -2.92 -5.67 -0.03
CA VAL A 169 -2.64 -4.65 -1.04
C VAL A 169 -1.13 -4.52 -1.17
N ILE A 170 -0.62 -4.61 -2.40
CA ILE A 170 0.80 -4.55 -2.66
C ILE A 170 1.06 -3.41 -3.63
N ILE A 171 1.92 -2.48 -3.22
CA ILE A 171 2.36 -1.39 -4.09
C ILE A 171 3.58 -1.88 -4.86
N ASN A 172 3.49 -1.87 -6.18
CA ASN A 172 4.56 -2.36 -7.04
C ASN A 172 5.41 -1.17 -7.48
N ASP A 173 6.38 -0.80 -6.64
CA ASP A 173 7.43 0.12 -7.01
C ASP A 173 8.69 -0.62 -7.45
N SER A 174 9.14 -1.56 -6.64
CA SER A 174 10.27 -2.44 -6.97
C SER A 174 9.75 -3.87 -7.09
N LEU A 175 10.05 -4.52 -8.22
CA LEU A 175 9.63 -5.90 -8.42
C LEU A 175 10.23 -6.80 -7.35
N ASP A 176 11.49 -6.58 -6.99
CA ASP A 176 12.11 -7.36 -5.92
C ASP A 176 11.31 -7.26 -4.63
N GLN A 177 10.89 -6.05 -4.27
CA GLN A 177 10.12 -5.87 -3.04
C GLN A 177 8.69 -6.37 -3.20
N ALA A 178 8.07 -6.09 -4.35
CA ALA A 178 6.68 -6.48 -4.55
C ALA A 178 6.52 -8.00 -4.58
N TYR A 179 7.45 -8.70 -5.24
CA TYR A 179 7.44 -10.16 -5.20
C TYR A 179 7.77 -10.68 -3.81
N ALA A 180 8.66 -9.99 -3.09
CA ALA A 180 8.93 -10.36 -1.70
C ALA A 180 7.68 -10.22 -0.85
N GLU A 181 6.89 -9.18 -1.09
CA GLU A 181 5.63 -9.01 -0.37
C GLU A 181 4.57 -9.98 -0.87
N LEU A 182 4.62 -10.36 -2.16
CA LEU A 182 3.69 -11.37 -2.66
C LEU A 182 3.95 -12.72 -2.02
N LYS A 183 5.23 -13.12 -1.91
CA LYS A 183 5.55 -14.38 -1.25
C LYS A 183 5.15 -14.35 0.22
N GLU A 184 5.41 -13.23 0.89
CA GLU A 184 5.06 -13.11 2.31
C GLU A 184 3.57 -13.30 2.54
N ALA A 185 2.74 -12.74 1.65
CA ALA A 185 1.30 -12.90 1.76
C ALA A 185 0.84 -14.32 1.45
N LEU A 186 1.63 -15.07 0.69
CA LEU A 186 1.30 -16.45 0.34
C LEU A 186 2.11 -17.46 1.14
N SER A 187 2.72 -17.05 2.26
CA SER A 187 3.47 -18.00 3.08
C SER A 187 2.55 -19.07 3.66
N GLU A 188 1.40 -18.65 4.21
CA GLU A 188 0.46 -19.62 4.76
C GLU A 188 -0.08 -20.53 3.67
N GLU A 189 -0.35 -19.98 2.48
CA GLU A 189 -0.82 -20.79 1.37
C GLU A 189 0.23 -21.81 0.95
N ILE A 190 1.49 -21.37 0.84
CA ILE A 190 2.56 -22.28 0.45
C ILE A 190 2.77 -23.35 1.52
N LYS A 191 2.74 -22.95 2.80
CA LYS A 191 2.97 -23.90 3.87
C LYS A 191 1.90 -24.99 3.91
N LYS A 192 0.63 -24.60 3.73
CA LYS A 192 -0.44 -25.59 3.73
C LYS A 192 -0.34 -26.52 2.52
N ALA A 193 -0.03 -25.96 1.35
CA ALA A 193 0.10 -26.80 0.16
C ALA A 193 1.22 -27.83 0.32
N GLN A 194 2.36 -27.40 0.87
CA GLN A 194 3.52 -28.29 0.97
C GLN A 194 3.33 -29.37 2.04
N ARG A 195 2.38 -29.21 2.95
CA ARG A 195 2.13 -30.21 3.97
C ARG A 195 1.09 -31.22 3.51
N PRO B 5 -9.38 22.87 8.47
CA PRO B 5 -8.68 21.99 7.52
C PRO B 5 -8.50 20.57 8.05
N ARG B 6 -8.20 19.63 7.16
CA ARG B 6 -8.01 18.25 7.60
C ARG B 6 -6.56 18.02 8.00
N PRO B 7 -6.31 17.22 9.03
CA PRO B 7 -4.94 16.98 9.49
C PRO B 7 -4.27 15.87 8.68
N VAL B 8 -2.94 15.82 8.82
CA VAL B 8 -2.10 14.87 8.10
C VAL B 8 -1.26 14.11 9.11
N VAL B 9 -1.20 12.78 8.95
CA VAL B 9 -0.42 11.92 9.83
C VAL B 9 0.68 11.28 9.01
N LEU B 10 1.94 11.49 9.43
CA LEU B 10 3.09 10.87 8.80
C LEU B 10 3.64 9.81 9.75
N SER B 11 3.68 8.57 9.29
CA SER B 11 4.24 7.48 10.07
C SER B 11 5.16 6.65 9.20
N GLY B 12 6.09 5.97 9.85
CA GLY B 12 7.06 5.13 9.18
C GLY B 12 8.10 4.63 10.15
N PRO B 13 9.07 3.88 9.64
CA PRO B 13 10.19 3.47 10.51
C PRO B 13 10.99 4.66 10.98
N SER B 14 11.51 4.55 12.21
CA SER B 14 12.37 5.58 12.76
C SER B 14 13.61 5.75 11.90
N GLY B 15 13.94 6.99 11.56
CA GLY B 15 15.11 7.29 10.76
C GLY B 15 14.95 7.14 9.27
N ALA B 16 13.76 6.78 8.79
CA ALA B 16 13.52 6.59 7.37
C ALA B 16 13.21 7.89 6.64
N GLY B 17 13.60 9.03 7.20
CA GLY B 17 13.34 10.30 6.57
C GLY B 17 12.01 10.93 6.91
N LYS B 18 11.32 10.45 7.95
CA LYS B 18 10.07 11.07 8.37
C LYS B 18 10.29 12.53 8.75
N SER B 19 11.27 12.78 9.62
CA SER B 19 11.57 14.15 10.03
C SER B 19 12.08 14.98 8.86
N THR B 20 12.91 14.38 8.00
CA THR B 20 13.47 15.11 6.87
C THR B 20 12.38 15.62 5.94
N LEU B 21 11.43 14.74 5.60
CA LEU B 21 10.34 15.14 4.71
C LEU B 21 9.46 16.19 5.36
N LEU B 22 9.16 16.00 6.66
CA LEU B 22 8.27 16.93 7.35
C LEU B 22 8.87 18.32 7.46
N LYS B 23 10.16 18.41 7.80
CA LYS B 23 10.80 19.71 7.93
C LYS B 23 10.82 20.45 6.59
N ARG B 24 11.05 19.74 5.49
CA ARG B 24 11.04 20.36 4.18
C ARG B 24 9.65 20.91 3.84
N LEU B 25 8.59 20.16 4.18
CA LEU B 25 7.23 20.60 3.90
C LEU B 25 6.89 21.86 4.67
N LEU B 26 7.29 21.93 5.94
CA LEU B 26 6.94 23.07 6.78
C LEU B 26 7.67 24.34 6.36
N GLN B 27 8.81 24.24 5.68
CA GLN B 27 9.51 25.43 5.24
C GLN B 27 8.95 25.98 3.94
N GLU B 28 8.62 25.10 2.99
CA GLU B 28 8.04 25.55 1.73
C GLU B 28 6.64 26.11 1.91
N HIS B 29 5.93 25.71 2.97
CA HIS B 29 4.56 26.13 3.24
C HIS B 29 4.41 26.57 4.69
N SER B 30 5.30 27.45 5.13
CA SER B 30 5.34 27.94 6.50
C SER B 30 4.14 28.80 6.86
N GLY B 31 3.20 29.01 5.95
CA GLY B 31 2.01 29.77 6.28
C GLY B 31 0.81 28.91 6.61
N ILE B 32 0.70 27.74 5.97
CA ILE B 32 -0.51 26.95 6.01
C ILE B 32 -0.38 25.65 6.77
N PHE B 33 0.81 25.29 7.24
CA PHE B 33 1.00 24.03 7.94
C PHE B 33 1.39 24.27 9.39
N GLY B 34 1.15 23.25 10.22
CA GLY B 34 1.49 23.30 11.63
C GLY B 34 1.87 21.95 12.18
N PHE B 35 3.03 21.87 12.84
CA PHE B 35 3.54 20.61 13.37
C PHE B 35 2.96 20.36 14.75
N SER B 36 2.56 19.11 14.99
CA SER B 36 2.07 18.70 16.31
C SER B 36 3.26 18.37 17.19
N VAL B 37 3.42 19.12 18.27
CA VAL B 37 4.59 18.99 19.14
C VAL B 37 4.26 17.91 20.18
N SER B 38 4.71 16.69 19.92
CA SER B 38 4.48 15.58 20.83
C SER B 38 5.28 15.75 22.12
N HIS B 39 4.76 15.15 23.19
CA HIS B 39 5.53 14.99 24.41
C HIS B 39 6.45 13.78 24.32
N THR B 40 7.56 13.83 25.04
CA THR B 40 8.47 12.69 25.10
C THR B 40 9.23 12.72 26.41
N THR B 41 9.65 11.53 26.86
CA THR B 41 10.51 11.40 28.02
C THR B 41 11.95 11.09 27.67
N ARG B 42 12.26 10.88 26.39
CA ARG B 42 13.64 10.70 25.98
C ARG B 42 14.37 12.04 26.02
N ASN B 43 15.66 11.98 26.32
CA ASN B 43 16.46 13.18 26.42
C ASN B 43 16.58 13.87 25.06
N PRO B 44 16.68 15.19 25.03
CA PRO B 44 16.80 15.89 23.74
C PRO B 44 18.12 15.57 23.05
N ARG B 45 18.07 15.47 21.73
CA ARG B 45 19.28 15.40 20.94
C ARG B 45 19.89 16.78 20.82
N PRO B 46 21.19 16.87 20.53
CA PRO B 46 21.81 18.18 20.31
C PRO B 46 21.08 18.94 19.20
N GLY B 47 20.80 20.21 19.46
CA GLY B 47 20.12 21.05 18.51
C GLY B 47 18.61 20.99 18.56
N GLU B 48 18.04 20.05 19.31
CA GLU B 48 16.59 20.03 19.48
C GLU B 48 16.17 21.08 20.50
N GLU B 49 14.98 21.64 20.29
CA GLU B 49 14.46 22.70 21.13
C GLU B 49 13.16 22.25 21.80
N ASN B 50 13.07 22.52 23.09
CA ASN B 50 11.85 22.27 23.84
C ASN B 50 10.72 23.15 23.31
N GLY B 51 9.54 22.55 23.14
CA GLY B 51 8.40 23.25 22.60
C GLY B 51 8.37 23.37 21.09
N LYS B 52 9.44 22.97 20.40
CA LYS B 52 9.49 22.98 18.94
C LYS B 52 9.51 21.56 18.37
N ASP B 53 10.49 20.74 18.77
CA ASP B 53 10.53 19.35 18.36
C ASP B 53 9.65 18.49 19.27
N TYR B 54 9.78 18.69 20.58
CA TYR B 54 9.04 17.91 21.56
C TYR B 54 8.82 18.75 22.81
N TYR B 55 7.91 18.28 23.65
CA TYR B 55 7.80 18.75 25.03
C TYR B 55 8.62 17.78 25.87
N PHE B 56 9.89 18.10 26.08
CA PHE B 56 10.79 17.21 26.79
C PHE B 56 10.45 17.24 28.28
N VAL B 57 9.67 16.27 28.71
CA VAL B 57 9.20 16.20 30.09
C VAL B 57 9.83 14.99 30.75
N THR B 58 9.86 15.02 32.08
CA THR B 58 10.31 13.87 32.85
C THR B 58 9.27 12.75 32.78
N ARG B 59 9.67 11.56 33.22
CA ARG B 59 8.74 10.44 33.25
C ARG B 59 7.63 10.68 34.26
N GLU B 60 7.95 11.26 35.41
CA GLU B 60 6.93 11.54 36.41
C GLU B 60 5.91 12.55 35.89
N VAL B 61 6.36 13.57 35.18
CA VAL B 61 5.44 14.56 34.62
C VAL B 61 4.56 13.92 33.54
N MET B 62 5.16 13.08 32.70
CA MET B 62 4.39 12.46 31.62
C MET B 62 3.26 11.59 32.15
N GLN B 63 3.52 10.82 33.20
CA GLN B 63 2.47 9.99 33.77
C GLN B 63 1.38 10.84 34.43
N ARG B 64 1.77 11.96 35.04
CA ARG B 64 0.78 12.89 35.57
C ARG B 64 -0.05 13.51 34.46
N ASP B 65 0.56 13.78 33.31
CA ASP B 65 -0.19 14.27 32.16
C ASP B 65 -1.13 13.19 31.62
N ILE B 66 -0.68 11.94 31.57
CA ILE B 66 -1.51 10.85 31.05
C ILE B 66 -2.73 10.66 31.94
N ALA B 67 -2.53 10.65 33.26
CA ALA B 67 -3.64 10.46 34.19
C ALA B 67 -4.62 11.63 34.17
N ALA B 68 -4.17 12.79 33.71
CA ALA B 68 -5.02 13.98 33.63
C ALA B 68 -5.73 14.09 32.30
N GLY B 69 -5.63 13.08 31.44
CA GLY B 69 -6.30 13.09 30.15
C GLY B 69 -5.80 14.15 29.19
N ASP B 70 -4.50 14.44 29.21
CA ASP B 70 -3.94 15.46 28.34
C ASP B 70 -3.67 14.96 26.93
N PHE B 71 -3.67 13.64 26.71
CA PHE B 71 -3.19 13.08 25.46
C PHE B 71 -4.32 12.43 24.68
N ILE B 72 -4.37 12.70 23.38
CA ILE B 72 -5.22 11.93 22.48
C ILE B 72 -4.74 10.48 22.43
N GLU B 73 -3.43 10.28 22.33
CA GLU B 73 -2.83 8.95 22.35
C GLU B 73 -1.43 9.06 22.93
N HIS B 74 -0.91 7.92 23.38
CA HIS B 74 0.48 7.83 23.79
C HIS B 74 0.96 6.39 23.61
N ALA B 75 2.27 6.23 23.55
CA ALA B 75 2.90 4.95 23.25
C ALA B 75 4.30 4.96 23.83
N GLU B 76 5.00 3.84 23.69
CA GLU B 76 6.38 3.70 24.15
C GLU B 76 7.26 3.27 22.98
N PHE B 77 8.44 3.89 22.89
CA PHE B 77 9.41 3.57 21.85
C PHE B 77 10.80 3.52 22.47
N SER B 78 11.42 2.35 22.43
CA SER B 78 12.79 2.14 22.90
C SER B 78 12.97 2.61 24.35
N GLY B 79 11.99 2.30 25.20
CA GLY B 79 12.10 2.58 26.61
C GLY B 79 11.73 3.98 27.04
N ASN B 80 11.13 4.78 26.17
CA ASN B 80 10.69 6.12 26.52
C ASN B 80 9.26 6.34 26.05
N LEU B 81 8.60 7.34 26.61
CA LEU B 81 7.20 7.61 26.37
C LEU B 81 7.03 8.72 25.35
N TYR B 82 6.08 8.54 24.43
CA TYR B 82 5.74 9.54 23.43
C TYR B 82 4.23 9.70 23.39
N GLY B 83 3.77 10.93 23.18
CA GLY B 83 2.34 11.17 23.10
C GLY B 83 1.96 12.48 22.44
N THR B 84 0.87 12.45 21.68
CA THR B 84 0.27 13.67 21.13
C THR B 84 -0.74 14.21 22.12
N SER B 85 -0.52 15.43 22.57
CA SER B 85 -1.45 16.07 23.50
C SER B 85 -2.57 16.76 22.74
N LYS B 86 -3.77 16.77 23.34
CA LYS B 86 -4.87 17.55 22.77
C LYS B 86 -4.47 19.01 22.63
N VAL B 87 -3.67 19.52 23.57
CA VAL B 87 -3.18 20.89 23.48
C VAL B 87 -2.37 21.08 22.20
N ALA B 88 -1.52 20.10 21.86
CA ALA B 88 -0.67 20.21 20.69
C ALA B 88 -1.50 20.35 19.41
N VAL B 89 -2.53 19.52 19.26
CA VAL B 89 -3.38 19.60 18.08
C VAL B 89 -4.26 20.85 18.15
N GLN B 90 -4.79 21.16 19.34
CA GLN B 90 -5.66 22.33 19.47
C GLN B 90 -4.90 23.61 19.16
N ALA B 91 -3.62 23.67 19.51
CA ALA B 91 -2.82 24.85 19.18
C ALA B 91 -2.75 25.09 17.68
N VAL B 92 -2.57 24.01 16.90
CA VAL B 92 -2.51 24.15 15.46
C VAL B 92 -3.87 24.51 14.89
N GLN B 93 -4.94 23.93 15.45
CA GLN B 93 -6.29 24.23 14.96
C GLN B 93 -6.64 25.69 15.16
N ALA B 94 -6.28 26.27 16.29
CA ALA B 94 -6.54 27.68 16.56
C ALA B 94 -5.67 28.61 15.71
N MET B 95 -4.81 28.07 14.85
CA MET B 95 -4.09 28.85 13.87
C MET B 95 -4.65 28.67 12.46
N ASN B 96 -5.72 27.89 12.30
CA ASN B 96 -6.31 27.59 10.99
C ASN B 96 -5.30 26.97 10.04
N ARG B 97 -4.34 26.23 10.59
CA ARG B 97 -3.32 25.56 9.79
C ARG B 97 -3.60 24.07 9.74
N ILE B 98 -2.90 23.39 8.85
CA ILE B 98 -3.02 21.94 8.73
C ILE B 98 -2.09 21.30 9.75
N CYS B 99 -2.66 20.51 10.66
CA CYS B 99 -1.87 19.81 11.67
C CYS B 99 -1.18 18.62 11.03
N VAL B 100 0.11 18.46 11.31
CA VAL B 100 0.87 17.34 10.79
C VAL B 100 1.46 16.57 11.98
N LEU B 101 1.29 15.25 11.96
CA LEU B 101 1.67 14.38 13.05
C LEU B 101 2.86 13.52 12.64
N ASP B 102 3.74 13.25 13.59
CA ASP B 102 4.90 12.37 13.40
C ASP B 102 4.82 11.30 14.48
N VAL B 103 4.17 10.18 14.16
CA VAL B 103 3.87 9.12 15.12
C VAL B 103 4.33 7.79 14.55
N ASP B 104 4.45 6.81 15.45
CA ASP B 104 4.83 5.46 15.07
C ASP B 104 3.60 4.69 14.61
N LEU B 105 3.75 3.40 14.34
CA LEU B 105 2.63 2.60 13.86
C LEU B 105 1.49 2.57 14.87
N GLN B 106 1.81 2.43 16.16
CA GLN B 106 0.78 2.38 17.19
C GLN B 106 -0.06 3.64 17.20
N GLY B 107 0.58 4.80 16.99
CA GLY B 107 -0.15 6.06 17.01
C GLY B 107 -1.14 6.20 15.87
N VAL B 108 -0.83 5.60 14.71
CA VAL B 108 -1.74 5.69 13.56
C VAL B 108 -3.09 5.10 13.91
N ARG B 109 -3.09 3.88 14.46
CA ARG B 109 -4.34 3.21 14.79
C ARG B 109 -5.07 3.94 15.91
N ASN B 110 -4.32 4.52 16.86
CA ASN B 110 -4.94 5.29 17.93
C ASN B 110 -5.69 6.49 17.39
N ILE B 111 -5.08 7.22 16.46
CA ILE B 111 -5.70 8.42 15.90
C ILE B 111 -6.93 8.03 15.08
N LYS B 112 -6.94 6.84 14.50
CA LYS B 112 -8.09 6.37 13.72
C LYS B 112 -9.38 6.35 14.53
N ALA B 113 -9.29 6.23 15.85
CA ALA B 113 -10.46 6.15 16.71
C ALA B 113 -10.86 7.49 17.30
N THR B 114 -10.32 8.59 16.80
CA THR B 114 -10.61 9.93 17.31
C THR B 114 -11.48 10.69 16.32
N ASP B 115 -11.78 11.94 16.67
CA ASP B 115 -12.60 12.81 15.85
C ASP B 115 -11.76 13.70 14.94
N LEU B 116 -10.46 13.41 14.80
CA LEU B 116 -9.60 14.23 13.95
C LEU B 116 -9.95 14.06 12.48
N ARG B 117 -10.24 12.83 12.06
CA ARG B 117 -10.46 12.50 10.65
C ARG B 117 -9.29 12.97 9.77
N PRO B 118 -8.08 12.46 10.00
CA PRO B 118 -6.93 12.94 9.23
C PRO B 118 -6.72 12.14 7.95
N ILE B 119 -5.70 12.53 7.19
CA ILE B 119 -5.21 11.75 6.06
C ILE B 119 -3.89 11.11 6.47
N TYR B 120 -3.74 9.83 6.16
CA TYR B 120 -2.60 9.04 6.62
C TYR B 120 -1.64 8.84 5.46
N ILE B 121 -0.39 9.22 5.66
CA ILE B 121 0.67 9.02 4.68
C ILE B 121 1.79 8.25 5.37
N SER B 122 2.25 7.18 4.71
CA SER B 122 3.32 6.33 5.26
C SER B 122 4.59 6.58 4.46
N VAL B 123 5.68 6.84 5.18
CA VAL B 123 7.00 7.01 4.58
C VAL B 123 7.75 5.70 4.77
N GLN B 124 7.90 4.94 3.69
CA GLN B 124 8.54 3.65 3.76
C GLN B 124 9.85 3.66 2.98
N PRO B 125 10.96 3.24 3.58
CA PRO B 125 12.17 3.02 2.81
C PRO B 125 11.98 1.86 1.86
N PRO B 126 12.70 1.84 0.73
CA PRO B 126 12.50 0.75 -0.24
C PRO B 126 12.83 -0.63 0.34
N SER B 127 13.81 -0.71 1.21
CA SER B 127 14.21 -2.00 1.79
C SER B 127 14.78 -1.77 3.17
N LEU B 128 14.78 -2.84 3.97
CA LEU B 128 15.34 -2.76 5.32
C LEU B 128 16.86 -2.58 5.29
N HIS B 129 17.52 -3.13 4.27
CA HIS B 129 18.94 -2.85 4.10
C HIS B 129 19.18 -1.38 3.82
N VAL B 130 18.33 -0.77 2.99
CA VAL B 130 18.47 0.65 2.68
C VAL B 130 18.16 1.49 3.90
N LEU B 131 17.17 1.08 4.71
CA LEU B 131 16.81 1.85 5.90
C LEU B 131 17.93 1.86 6.93
N GLU B 132 18.70 0.78 7.01
CA GLU B 132 19.79 0.72 7.99
C GLU B 132 20.92 1.66 7.60
N GLN B 133 21.19 1.80 6.29
CA GLN B 133 22.28 2.67 5.84
C GLN B 133 22.03 4.12 6.21
N ARG B 134 20.77 4.56 6.18
CA ARG B 134 20.44 5.96 6.42
C ARG B 134 20.76 6.42 7.83
N LEU B 135 20.92 5.49 8.77
CA LEU B 135 21.22 5.81 10.16
C LEU B 135 22.70 5.50 10.45
N ARG B 136 23.08 5.66 11.71
CA ARG B 136 24.42 5.51 12.28
C ARG B 136 25.38 6.63 11.83
N GLN B 137 24.97 7.51 10.93
CA GLN B 137 25.77 8.68 10.57
C GLN B 137 25.33 9.92 11.33
N ARG B 138 24.46 9.76 12.31
CA ARG B 138 23.89 10.88 13.07
C ARG B 138 24.37 10.95 14.50
N ASN B 139 24.73 9.83 15.12
CA ASN B 139 25.15 9.69 16.51
C ASN B 139 24.03 9.94 17.51
N THR B 140 22.83 10.32 17.06
CA THR B 140 21.71 10.53 17.96
C THR B 140 21.15 9.23 18.51
N GLU B 141 21.52 8.09 17.94
CA GLU B 141 21.14 6.78 18.43
C GLU B 141 22.40 5.97 18.70
N THR B 142 22.48 5.37 19.89
CA THR B 142 23.60 4.53 20.22
C THR B 142 23.51 3.19 19.47
N GLU B 143 24.60 2.43 19.51
CA GLU B 143 24.62 1.13 18.83
C GLU B 143 23.50 0.23 19.36
N GLU B 144 23.31 0.19 20.68
CA GLU B 144 22.19 -0.55 21.24
C GLU B 144 20.87 0.06 20.81
N SER B 145 20.79 1.39 20.76
CA SER B 145 19.56 2.06 20.34
C SER B 145 19.35 1.98 18.84
N LEU B 146 20.44 1.99 18.05
CA LEU B 146 20.31 1.86 16.60
C LEU B 146 19.74 0.50 16.21
N VAL B 147 20.20 -0.56 16.88
CA VAL B 147 19.68 -1.90 16.61
C VAL B 147 18.21 -2.00 17.04
N LYS B 148 17.88 -1.36 18.17
CA LYS B 148 16.51 -1.41 18.68
C LYS B 148 15.52 -0.75 17.74
N ARG B 149 15.98 0.23 16.95
CA ARG B 149 15.09 0.88 15.99
C ARG B 149 14.85 0.02 14.75
N LEU B 150 15.89 -0.67 14.28
CA LEU B 150 15.72 -1.55 13.12
C LEU B 150 14.75 -2.69 13.43
N ALA B 151 14.83 -3.24 14.64
CA ALA B 151 13.90 -4.30 15.04
C ALA B 151 12.47 -3.80 15.02
N ALA B 152 12.24 -2.60 15.58
CA ALA B 152 10.91 -2.00 15.50
C ALA B 152 10.56 -1.59 14.07
N ALA B 153 11.56 -1.26 13.26
CA ALA B 153 11.31 -0.94 11.87
C ALA B 153 10.74 -2.15 11.13
N GLN B 154 11.43 -3.30 11.21
CA GLN B 154 11.03 -4.47 10.46
C GLN B 154 9.59 -4.88 10.77
N ALA B 155 9.20 -4.80 12.04
CA ALA B 155 7.81 -5.05 12.39
C ALA B 155 6.88 -3.99 11.78
N ASP B 156 7.32 -2.72 11.80
CA ASP B 156 6.48 -1.65 11.28
C ASP B 156 6.33 -1.69 9.77
N MET B 157 7.38 -2.13 9.05
CA MET B 157 7.28 -2.21 7.59
C MET B 157 6.19 -3.21 7.18
N GLU B 158 6.11 -4.35 7.86
CA GLU B 158 5.05 -5.31 7.57
C GLU B 158 3.69 -4.79 8.00
N SER B 159 3.65 -3.92 9.01
CA SER B 159 2.40 -3.42 9.57
C SER B 159 1.77 -2.31 8.74
N SER B 160 2.27 -2.05 7.54
CA SER B 160 1.71 -1.01 6.68
C SER B 160 0.85 -1.54 5.55
N LYS B 161 1.08 -2.79 5.12
CA LYS B 161 0.34 -3.36 4.00
C LYS B 161 -1.11 -3.68 4.33
N GLU B 162 -1.57 -3.42 5.55
CA GLU B 162 -2.96 -3.67 5.91
C GLU B 162 -3.87 -2.88 4.98
N PRO B 163 -4.82 -3.52 4.31
CA PRO B 163 -5.64 -2.80 3.33
C PRO B 163 -6.45 -1.69 3.99
N GLY B 164 -6.40 -0.51 3.37
CA GLY B 164 -7.17 0.63 3.80
C GLY B 164 -6.60 1.41 4.96
N LEU B 165 -5.45 1.00 5.50
CA LEU B 165 -4.89 1.68 6.66
C LEU B 165 -4.25 3.02 6.28
N PHE B 166 -3.36 3.00 5.29
CA PHE B 166 -2.65 4.20 4.86
C PHE B 166 -3.26 4.70 3.56
N ASP B 167 -3.68 5.97 3.54
CA ASP B 167 -4.24 6.56 2.33
C ASP B 167 -3.19 6.67 1.24
N VAL B 168 -1.96 7.00 1.60
CA VAL B 168 -0.86 7.15 0.66
C VAL B 168 0.37 6.48 1.25
N VAL B 169 1.10 5.72 0.44
CA VAL B 169 2.36 5.11 0.82
C VAL B 169 3.43 5.64 -0.13
N ILE B 170 4.55 6.07 0.43
CA ILE B 170 5.63 6.70 -0.31
C ILE B 170 6.89 5.87 -0.12
N ILE B 171 7.52 5.50 -1.24
CA ILE B 171 8.81 4.80 -1.21
C ILE B 171 9.92 5.85 -1.31
N ASN B 172 10.76 5.90 -0.29
CA ASN B 172 11.80 6.93 -0.19
C ASN B 172 13.14 6.35 -0.64
N ASP B 173 13.30 6.22 -1.96
CA ASP B 173 14.62 5.91 -2.50
C ASP B 173 15.52 7.14 -2.45
N SER B 174 15.00 8.30 -2.82
CA SER B 174 15.69 9.57 -2.66
C SER B 174 14.73 10.55 -1.99
N LEU B 175 15.29 11.36 -1.08
CA LEU B 175 14.45 12.31 -0.34
C LEU B 175 13.76 13.30 -1.28
N ASP B 176 14.35 13.57 -2.44
CA ASP B 176 13.73 14.48 -3.39
C ASP B 176 12.54 13.83 -4.09
N GLN B 177 12.66 12.56 -4.45
CA GLN B 177 11.53 11.85 -5.05
C GLN B 177 10.37 11.72 -4.06
N ALA B 178 10.67 11.36 -2.82
CA ALA B 178 9.63 11.17 -1.82
C ALA B 178 8.87 12.45 -1.52
N TYR B 179 9.49 13.62 -1.75
CA TYR B 179 8.81 14.88 -1.47
C TYR B 179 7.80 15.25 -2.55
N ALA B 180 8.07 14.90 -3.80
CA ALA B 180 7.16 15.25 -4.88
C ALA B 180 5.81 14.57 -4.69
N GLU B 181 5.82 13.28 -4.37
CA GLU B 181 4.56 12.57 -4.14
C GLU B 181 3.81 13.11 -2.93
N LEU B 182 4.54 13.62 -1.93
CA LEU B 182 3.88 14.19 -0.76
C LEU B 182 3.07 15.42 -1.13
N LYS B 183 3.63 16.30 -1.97
CA LYS B 183 2.94 17.53 -2.33
C LYS B 183 1.66 17.27 -3.09
N GLU B 184 1.69 16.30 -4.03
CA GLU B 184 0.52 16.03 -4.86
C GLU B 184 -0.66 15.55 -4.03
N ALA B 185 -0.39 14.74 -3.00
CA ALA B 185 -1.47 14.18 -2.20
C ALA B 185 -2.31 15.26 -1.52
N LEU B 186 -1.65 16.27 -0.96
CA LEU B 186 -2.34 17.34 -0.24
C LEU B 186 -2.50 18.60 -1.08
N SER B 187 -2.32 18.49 -2.41
CA SER B 187 -2.31 19.67 -3.26
C SER B 187 -3.61 20.45 -3.18
N GLU B 188 -4.75 19.75 -3.16
CA GLU B 188 -6.03 20.44 -3.04
C GLU B 188 -6.13 21.21 -1.73
N GLU B 189 -5.69 20.59 -0.63
CA GLU B 189 -5.74 21.27 0.66
C GLU B 189 -4.77 22.46 0.70
N ILE B 190 -3.59 22.31 0.09
CA ILE B 190 -2.68 23.45 0.00
C ILE B 190 -3.31 24.58 -0.79
N LYS B 191 -3.99 24.26 -1.89
CA LYS B 191 -4.69 25.28 -2.66
C LYS B 191 -5.81 25.90 -1.85
N LYS B 192 -6.58 25.08 -1.12
CA LYS B 192 -7.67 25.60 -0.31
C LYS B 192 -7.13 26.48 0.83
N ALA B 193 -6.01 26.08 1.44
CA ALA B 193 -5.43 26.89 2.50
C ALA B 193 -4.78 28.16 1.96
N GLN B 194 -4.26 28.11 0.74
CA GLN B 194 -3.66 29.30 0.12
C GLN B 194 -4.74 30.26 -0.36
#